data_1TNV
#
_entry.id   1TNV
#
_cell.length_a   338.000
_cell.length_b   338.000
_cell.length_c   338.000
_cell.angle_alpha   90.00
_cell.angle_beta   90.00
_cell.angle_gamma   90.00
#
_symmetry.space_group_name_H-M   'P 42 3 2'
#
loop_
_entity.id
_entity.type
_entity.pdbx_description
1 polymer 'TOBACCO NECROSIS VIRUS (SUBUNIT VP1)'
2 polymer 'TOBACCO NECROSIS VIRUS (SUBUNIT VP3)'
#
loop_
_entity_poly.entity_id
_entity_poly.type
_entity_poly.pdbx_seq_one_letter_code
_entity_poly.pdbx_strand_id
1 'polypeptide(L)'
;(UNK)(UNK)(UNK)(UNK)(UNK)(UNK)(UNK)(UNK)(UNK)(UNK)(UNK)(UNK)(UNK)(UNK)(UNK)(UNK)
(UNK)(UNK)(UNK)(UNK)(UNK)(UNK)(UNK)(UNK)(UNK)(UNK)(UNK)(UNK)(UNK)(UNK)(UNK)(UNK)
(UNK)(UNK)(UNK)(UNK)(UNK)(UNK)(UNK)(UNK)(UNK)(UNK)(UNK)(UNK)(UNK)(UNK)(UNK)(UNK)
(UNK)(UNK)(UNK)(UNK)(UNK)(UNK)(UNK)(UNK)(UNK)(UNK)(UNK)(UNK)(UNK)(UNK)(UNK)(UNK)
(UNK)(UNK)(UNK)(UNK)(UNK)(UNK)(UNK)(UNK)(UNK)(UNK)(UNK)(UNK)(UNK)(UNK)(UNK)(UNK)
(UNK)(UNK)(UNK)(UNK)(UNK)(UNK)(UNK)(UNK)(UNK)(UNK)(UNK)(UNK)(UNK)(UNK)(UNK)(UNK)
(UNK)(UNK)(UNK)(UNK)(UNK)(UNK)(UNK)(UNK)(UNK)(UNK)(UNK)(UNK)(UNK)(UNK)(UNK)(UNK)
(UNK)(UNK)(UNK)(UNK)(UNK)(UNK)(UNK)(UNK)(UNK)(UNK)(UNK)(UNK)(UNK)(UNK)(UNK)(UNK)
(UNK)(UNK)(UNK)(UNK)(UNK)(UNK)(UNK)(UNK)(UNK)(UNK)(UNK)(UNK)(UNK)(UNK)(UNK)(UNK)
(UNK)(UNK)(UNK)(UNK)(UNK)(UNK)(UNK)(UNK)(UNK)(UNK)(UNK)(UNK)(UNK)(UNK)(UNK)(UNK)
(UNK)(UNK)(UNK)(UNK)(UNK)(UNK)(UNK)(UNK)(UNK)(UNK)(UNK)(UNK)(UNK)(UNK)(UNK)(UNK)
(UNK)(UNK)(UNK)(UNK)(UNK)(UNK)(UNK)(UNK)(UNK)(UNK)
;
A,B
2 'polypeptide(L)'
;(UNK)(UNK)(UNK)(UNK)(UNK)(UNK)(UNK)(UNK)(UNK)(UNK)(UNK)(UNK)(UNK)(UNK)(UNK)(UNK)
(UNK)(UNK)(UNK)(UNK)(UNK)(UNK)(UNK)(UNK)(UNK)(UNK)(UNK)(UNK)(UNK)(UNK)(UNK)(UNK)
(UNK)(UNK)(UNK)(UNK)(UNK)(UNK)(UNK)(UNK)(UNK)(UNK)(UNK)(UNK)(UNK)(UNK)(UNK)(UNK)
(UNK)(UNK)(UNK)(UNK)(UNK)(UNK)(UNK)(UNK)(UNK)(UNK)(UNK)(UNK)(UNK)(UNK)(UNK)(UNK)
(UNK)(UNK)(UNK)(UNK)(UNK)(UNK)(UNK)(UNK)(UNK)(UNK)(UNK)(UNK)(UNK)(UNK)(UNK)(UNK)
(UNK)(UNK)(UNK)(UNK)(UNK)(UNK)(UNK)(UNK)(UNK)(UNK)(UNK)(UNK)(UNK)(UNK)(UNK)(UNK)
(UNK)(UNK)(UNK)(UNK)(UNK)(UNK)(UNK)(UNK)(UNK)(UNK)(UNK)(UNK)(UNK)(UNK)(UNK)(UNK)
(UNK)(UNK)(UNK)(UNK)(UNK)(UNK)(UNK)(UNK)(UNK)(UNK)(UNK)(UNK)(UNK)(UNK)(UNK)(UNK)
(UNK)(UNK)(UNK)(UNK)(UNK)(UNK)(UNK)(UNK)(UNK)(UNK)(UNK)(UNK)(UNK)(UNK)(UNK)(UNK)
(UNK)(UNK)(UNK)(UNK)(UNK)(UNK)(UNK)(UNK)(UNK)(UNK)(UNK)(UNK)(UNK)(UNK)(UNK)(UNK)
(UNK)(UNK)(UNK)(UNK)(UNK)(UNK)(UNK)(UNK)(UNK)(UNK)(UNK)(UNK)(UNK)(UNK)(UNK)(UNK)
(UNK)(UNK)(UNK)(UNK)(UNK)(UNK)(UNK)(UNK)(UNK)(UNK)(UNK)(UNK)(UNK)(UNK)(UNK)(UNK)
(UNK)(UNK)(UNK)(UNK)(UNK)(UNK)(UNK)(UNK)(UNK)(UNK)(UNK)(UNK)(UNK)(UNK)(UNK)(UNK)
(UNK)(UNK)
;
C
#
# COMPACT_ATOMS: atom_id res chain seq x y z
N UNK A 1 -19.81 0.21 1.27
CA UNK A 1 -19.35 1.39 0.44
C UNK A 1 -20.57 2.54 0.02
N UNK A 2 -20.11 3.92 0.29
CA UNK A 2 -21.08 4.88 0.02
C UNK A 2 -20.38 6.06 -0.39
N UNK A 3 -21.11 6.83 -1.36
CA UNK A 3 -20.66 8.20 -1.91
C UNK A 3 -21.63 8.96 -1.64
N UNK A 4 -21.17 10.34 -1.36
CA UNK A 4 -22.14 11.49 -1.37
C UNK A 4 -21.45 13.07 -1.23
N UNK A 5 -20.98 13.46 -2.33
CA UNK A 5 -20.28 14.64 -2.74
C UNK A 5 -21.26 15.99 -2.47
N UNK A 6 -20.56 16.99 -2.33
CA UNK A 6 -21.06 18.34 -2.06
C UNK A 6 -19.88 19.53 -2.47
N UNK A 7 -19.90 20.51 -1.92
CA UNK A 7 -18.96 21.50 -2.20
C UNK A 7 -18.98 22.67 -1.36
N UNK A 8 -17.55 22.89 -1.09
CA UNK A 8 -17.08 23.68 0.02
C UNK A 8 -15.65 23.50 0.57
N UNK A 9 -15.18 24.49 1.12
CA UNK A 9 -13.98 24.12 1.81
C UNK A 9 -12.80 25.12 1.12
N UNK A 10 -11.60 24.35 1.26
CA UNK A 10 -10.18 25.16 0.71
C UNK A 10 -9.71 25.94 1.82
N UNK A 11 -8.52 26.16 1.68
CA UNK A 11 -7.58 26.95 2.78
C UNK A 11 -8.08 28.31 2.23
N UNK A 12 -7.38 29.30 2.37
CA UNK A 12 -7.87 30.66 1.81
C UNK A 12 -6.94 32.04 2.09
N UNK A 13 -6.47 32.43 0.99
CA UNK A 13 -5.53 33.63 0.99
C UNK A 13 -4.10 33.26 0.44
N UNK A 14 -3.40 34.64 0.30
CA UNK A 14 -2.21 35.04 -0.39
C UNK A 14 -1.99 36.61 -0.25
N UNK A 15 -2.00 37.00 -1.35
CA UNK A 15 -1.79 38.37 -1.50
C UNK A 15 -0.11 38.59 -1.63
N UNK A 16 0.35 39.18 -2.45
CA UNK A 16 1.79 39.60 -2.73
C UNK A 16 2.26 39.99 -3.83
N UNK A 17 3.68 40.60 -3.83
CA UNK A 17 4.39 41.39 -4.80
C UNK A 17 5.35 40.63 -5.08
N UNK A 18 5.84 39.85 -4.52
CA UNK A 18 7.06 38.90 -4.65
C UNK A 18 6.60 37.34 -5.21
N UNK A 19 6.85 36.55 -4.24
CA UNK A 19 6.17 34.98 -4.38
C UNK A 19 5.93 34.40 -3.14
N UNK A 20 4.98 33.80 -3.14
CA UNK A 20 4.52 33.00 -1.76
C UNK A 20 3.83 31.63 -2.45
N UNK A 21 4.31 30.86 -1.90
CA UNK A 21 3.86 29.29 -2.45
C UNK A 21 3.15 28.69 -1.20
N UNK A 22 1.96 28.29 -1.35
CA UNK A 22 1.26 27.49 -0.38
C UNK A 22 0.80 26.11 -0.66
N UNK A 23 0.58 25.33 0.31
CA UNK A 23 0.12 23.96 0.04
C UNK A 23 -0.83 23.55 1.14
N UNK A 24 -1.76 22.56 0.59
CA UNK A 24 -2.71 21.77 1.14
C UNK A 24 -2.93 20.40 0.45
N UNK A 25 -3.15 19.61 1.41
CA UNK A 25 -3.13 18.05 0.86
C UNK A 25 -4.56 17.64 0.31
N UNK A 26 -4.54 16.66 -0.25
CA UNK A 26 -5.97 16.24 -0.79
C UNK A 26 -6.43 14.87 -0.24
N UNK A 27 -6.90 15.06 0.85
CA UNK A 27 -7.37 13.88 1.69
C UNK A 27 -8.57 14.26 2.65
N UNK A 28 -9.03 13.08 3.48
CA UNK A 28 -10.23 13.25 4.17
C UNK A 28 -10.25 14.42 4.99
N UNK A 29 -9.29 14.64 6.10
CA UNK A 29 -9.31 15.81 6.93
C UNK A 29 -9.57 16.97 6.52
N UNK A 30 -8.62 17.57 5.69
CA UNK A 30 -8.65 18.94 5.13
C UNK A 30 -10.08 18.91 4.30
N UNK A 31 -10.55 18.33 3.47
CA UNK A 31 -11.74 18.10 2.78
C UNK A 31 -12.71 18.87 3.88
N UNK A 32 -12.97 20.23 3.75
CA UNK A 32 -13.70 21.00 4.43
C UNK A 32 -14.17 20.80 5.82
N UNK A 33 -14.91 21.57 6.50
CA UNK A 33 -15.62 20.98 7.74
C UNK A 33 -16.56 20.18 7.47
N UNK A 34 -17.28 20.16 6.23
CA UNK A 34 -18.21 19.17 5.67
C UNK A 34 -17.71 17.81 5.40
N UNK A 35 -17.23 17.63 4.30
CA UNK A 35 -16.97 16.07 4.16
C UNK A 35 -16.01 15.70 5.26
N UNK A 36 -15.06 16.69 5.81
CA UNK A 36 -14.35 16.51 6.78
C UNK A 36 -15.06 15.91 8.02
N UNK A 37 -16.50 16.47 8.02
CA UNK A 37 -17.45 16.07 9.12
C UNK A 37 -17.91 14.88 9.13
N UNK A 38 -18.14 14.30 7.88
CA UNK A 38 -18.59 12.93 7.61
C UNK A 38 -17.62 11.77 7.61
N UNK A 39 -16.43 12.18 6.92
CA UNK A 39 -15.45 11.02 6.93
C UNK A 39 -14.73 10.45 8.16
N UNK A 40 -14.99 11.42 9.13
CA UNK A 40 -14.51 11.23 10.52
C UNK A 40 -15.44 9.85 11.07
N UNK A 41 -16.15 9.65 10.37
CA UNK A 41 -17.09 8.46 10.37
C UNK A 41 -17.06 7.29 9.55
N UNK A 42 -15.87 6.92 9.41
CA UNK A 42 -15.61 5.95 8.45
C UNK A 42 -14.16 5.00 8.72
N UNK A 43 -13.91 4.21 8.03
CA UNK A 43 -12.46 3.66 8.04
C UNK A 43 -11.76 4.45 7.07
N UNK A 44 -11.75 4.06 5.69
CA UNK A 44 -11.04 4.85 4.73
C UNK A 44 -12.01 5.22 3.61
N UNK A 45 -11.30 6.20 2.93
CA UNK A 45 -12.03 6.79 1.69
C UNK A 45 -11.08 6.99 0.30
N UNK A 46 -12.04 7.56 -0.53
CA UNK A 46 -11.57 7.76 -1.90
C UNK A 46 -12.30 8.73 -2.59
N UNK A 47 -12.06 9.31 -3.84
CA UNK A 47 -13.03 10.08 -4.40
C UNK A 47 -13.27 9.87 -5.91
N UNK A 48 -14.23 10.06 -6.47
CA UNK A 48 -14.46 9.85 -7.98
C UNK A 48 -14.00 11.04 -8.81
N UNK A 49 -14.02 12.40 -8.53
CA UNK A 49 -13.80 13.39 -9.22
C UNK A 49 -13.10 14.37 -8.25
N UNK A 50 -11.91 14.97 -8.66
CA UNK A 50 -11.45 15.95 -8.12
C UNK A 50 -10.51 17.14 -8.94
N UNK A 51 -10.77 18.12 -8.81
CA UNK A 51 -10.31 19.29 -9.63
C UNK A 51 -10.57 20.46 -8.39
N UNK A 52 -9.87 21.44 -8.26
CA UNK A 52 -9.89 22.62 -7.42
C UNK A 52 -10.38 23.78 -8.25
N UNK A 53 -11.35 24.16 -7.71
CA UNK A 53 -12.08 25.51 -8.68
C UNK A 53 -11.63 26.69 -7.85
N UNK A 54 -11.40 27.67 -8.54
CA UNK A 54 -10.95 29.24 -7.98
C UNK A 54 -11.68 30.20 -8.67
N UNK A 55 -12.17 30.97 -7.57
CA UNK A 55 -12.91 32.32 -7.71
C UNK A 55 -11.97 33.32 -7.99
N UNK A 56 -11.99 34.30 -7.43
CA UNK A 56 -11.30 35.67 -7.58
C UNK A 56 -12.03 36.64 -6.61
N UNK A 57 -11.57 37.62 -6.06
CA UNK A 57 -12.30 38.58 -5.09
C UNK A 57 -11.84 39.77 -5.09
N UNK A 58 -10.65 40.17 -5.78
CA UNK A 58 -9.96 41.55 -5.92
C UNK A 58 -10.20 41.94 -7.44
N UNK A 59 -10.22 43.11 -7.44
CA UNK A 59 -10.71 43.88 -8.82
C UNK A 59 -9.51 43.51 -9.78
N UNK A 60 -9.99 43.89 -10.89
CA UNK A 60 -9.03 43.71 -11.99
C UNK A 60 -8.08 44.70 -12.27
N UNK A 61 -7.63 45.49 -11.16
CA UNK A 61 -6.68 46.67 -11.17
C UNK A 61 -5.48 45.91 -10.20
N UNK A 62 -5.71 44.94 -9.51
CA UNK A 62 -4.98 44.17 -8.54
C UNK A 62 -4.01 43.40 -9.64
N UNK A 63 -2.83 44.20 -9.78
CA UNK A 63 -1.86 43.63 -10.61
C UNK A 63 -1.36 42.47 -9.77
N UNK A 64 -2.06 41.29 -10.18
CA UNK A 64 -1.56 39.93 -9.63
C UNK A 64 -2.01 38.75 -10.46
N UNK A 65 -1.76 37.59 -10.05
CA UNK A 65 -2.46 36.40 -10.47
C UNK A 65 -1.96 35.05 -9.91
N UNK A 66 -2.18 33.87 -10.32
CA UNK A 66 -1.92 32.89 -9.63
C UNK A 66 -1.42 31.54 -10.74
N UNK A 67 -1.17 30.56 -10.04
CA UNK A 67 -0.91 29.40 -10.45
C UNK A 67 -1.13 28.03 -9.49
N UNK A 68 -0.87 26.86 -9.91
CA UNK A 68 -0.85 25.88 -8.80
C UNK A 68 -0.36 24.53 -9.90
N UNK A 69 -0.33 23.36 -9.07
CA UNK A 69 -0.08 22.20 -9.49
C UNK A 69 -0.06 21.02 -8.65
N UNK A 70 -0.28 19.85 -9.08
CA UNK A 70 -0.26 18.67 -8.24
C UNK A 70 0.95 17.92 -8.10
N UNK A 71 1.19 17.34 -6.86
CA UNK A 71 2.40 16.76 -6.44
C UNK A 71 1.94 15.39 -5.90
N UNK A 72 2.91 14.63 -6.16
CA UNK A 72 2.70 13.07 -5.48
C UNK A 72 3.66 12.50 -4.65
N UNK A 73 4.60 13.29 -4.37
CA UNK A 73 5.81 12.53 -3.40
C UNK A 73 6.03 13.71 -2.16
N UNK A 74 5.08 13.11 -1.33
CA UNK A 74 5.07 13.69 0.32
C UNK A 74 6.49 14.50 0.60
N UNK A 75 7.46 13.54 0.05
CA UNK A 75 9.12 14.15 0.47
C UNK A 75 9.58 15.33 -0.36
N UNK A 76 8.62 15.70 -1.47
CA UNK A 76 8.85 16.68 -2.16
C UNK A 76 8.82 18.24 -1.61
N UNK A 77 9.77 19.04 -2.16
CA UNK A 77 9.74 20.60 -1.60
C UNK A 77 9.01 21.37 -2.58
N UNK A 78 8.04 22.33 -2.03
CA UNK A 78 7.31 23.09 -2.99
C UNK A 78 8.01 24.08 -3.68
N UNK A 79 7.53 24.46 -4.78
CA UNK A 79 7.99 25.45 -5.89
C UNK A 79 8.21 26.82 -5.20
N UNK A 80 9.15 27.42 -6.03
CA UNK A 80 9.60 28.99 -5.47
C UNK A 80 9.12 29.76 -6.86
N UNK A 81 9.37 29.18 -8.10
CA UNK A 81 9.12 29.95 -9.06
C UNK A 81 8.17 29.36 -9.89
N UNK A 82 7.45 30.12 -10.86
CA UNK A 82 6.26 29.71 -11.83
C UNK A 82 6.75 28.55 -12.66
N UNK A 83 7.71 28.75 -13.21
CA UNK A 83 8.44 27.79 -14.17
C UNK A 83 8.23 26.23 -13.48
N UNK A 84 8.94 26.05 -12.51
CA UNK A 84 8.97 24.68 -11.96
C UNK A 84 7.30 24.26 -12.10
N UNK A 85 6.58 25.03 -11.41
CA UNK A 85 4.90 24.81 -11.27
C UNK A 85 4.43 24.60 -12.38
N UNK A 86 4.89 25.59 -13.48
CA UNK A 86 4.18 25.58 -14.73
C UNK A 86 4.20 24.02 -15.28
N UNK A 87 5.17 23.25 -14.72
CA UNK A 87 5.19 21.69 -15.27
C UNK A 87 4.73 20.71 -14.17
N UNK A 88 3.77 21.28 -13.35
CA UNK A 88 3.31 20.10 -12.51
C UNK A 88 2.12 19.49 -12.94
N UNK A 89 1.42 18.51 -12.25
CA UNK A 89 0.23 17.90 -12.66
C UNK A 89 -0.74 18.86 -13.76
N UNK A 90 -1.70 19.43 -12.94
CA UNK A 90 -2.43 20.20 -13.90
C UNK A 90 -2.21 21.57 -14.04
N UNK A 91 -1.03 22.17 -14.46
CA UNK A 91 -0.57 23.35 -14.45
C UNK A 91 -1.30 24.12 -15.42
N UNK A 92 -2.04 25.28 -15.01
CA UNK A 92 -2.77 26.24 -15.70
C UNK A 92 -2.55 27.62 -15.01
N UNK A 93 -2.80 28.59 -15.70
CA UNK A 93 -2.59 29.96 -15.01
C UNK A 93 -3.08 30.92 -16.12
N UNK A 94 -3.35 32.28 -15.43
CA UNK A 94 -3.84 33.45 -16.26
C UNK A 94 -3.62 34.62 -15.02
N UNK A 95 -4.36 35.78 -15.43
CA UNK A 95 -4.38 36.95 -14.61
C UNK A 95 -5.33 36.75 -13.22
N UNK A 96 -4.63 37.73 -12.26
CA UNK A 96 -5.35 37.72 -11.02
C UNK A 96 -6.80 38.47 -11.57
N UNK A 97 -7.75 38.46 -10.75
CA UNK A 97 -8.96 39.03 -11.16
C UNK A 97 -9.65 38.04 -12.13
N UNK A 98 -9.15 36.49 -11.85
CA UNK A 98 -9.61 35.31 -12.68
C UNK A 98 -10.80 34.90 -11.98
N UNK A 99 -11.76 34.88 -12.82
CA UNK A 99 -13.18 34.66 -12.26
C UNK A 99 -14.39 35.03 -12.96
N UNK A 100 -14.15 35.82 -13.93
CA UNK A 100 -15.60 36.38 -14.76
C UNK A 100 -16.54 35.39 -14.48
N UNK A 101 -16.78 34.80 -13.24
CA UNK A 101 -17.72 34.00 -12.69
C UNK A 101 -17.69 32.64 -12.96
N UNK A 102 -16.25 32.08 -12.96
CA UNK A 102 -16.22 30.71 -13.23
C UNK A 102 -17.16 29.72 -12.14
N UNK A 103 -16.43 28.75 -11.44
CA UNK A 103 -17.38 27.96 -10.89
C UNK A 103 -18.33 27.56 -11.44
N UNK A 104 -18.07 26.19 -12.13
CA UNK A 104 -19.01 25.59 -12.96
C UNK A 104 -19.47 24.41 -12.13
N UNK A 105 -18.27 23.84 -11.72
CA UNK A 105 -18.49 22.48 -10.75
C UNK A 105 -18.74 23.26 -9.24
N UNK A 106 -18.51 24.23 -9.09
CA UNK A 106 -18.76 24.81 -7.85
C UNK A 106 -20.45 25.19 -7.72
N UNK A 107 -20.70 26.15 -8.41
CA UNK A 107 -22.37 26.32 -8.55
C UNK A 107 -23.07 24.94 -8.41
N UNK A 108 -22.58 24.17 -9.51
CA UNK A 108 -23.04 22.80 -9.79
C UNK A 108 -23.51 22.98 -11.17
N UNK A 109 -22.81 23.77 -12.14
CA UNK A 109 -23.28 23.96 -13.52
C UNK A 109 -22.31 23.00 -14.07
N UNK A 110 -22.77 21.82 -14.07
CA UNK A 110 -22.04 20.66 -14.48
C UNK A 110 -21.56 20.87 -15.86
N UNK A 111 -20.63 22.05 -15.86
CA UNK A 111 -20.15 22.44 -16.96
C UNK A 111 -18.74 23.25 -16.68
N UNK A 112 -18.50 23.84 -17.93
CA UNK A 112 -17.32 24.84 -17.79
C UNK A 112 -17.59 26.20 -18.75
N UNK A 113 -16.62 26.21 -19.58
CA UNK A 113 -16.64 27.38 -20.41
C UNK A 113 -15.47 28.18 -20.55
N UNK A 114 -15.00 28.97 -19.44
CA UNK A 114 -13.80 29.38 -19.30
C UNK A 114 -13.58 30.17 -17.79
N UNK A 115 -12.85 29.20 -17.09
CA UNK A 115 -12.38 29.60 -15.72
C UNK A 115 -11.41 28.83 -15.16
N UNK A 116 -10.70 29.24 -14.19
CA UNK A 116 -9.49 28.29 -13.50
C UNK A 116 -9.95 26.91 -12.95
N UNK A 117 -9.46 25.75 -13.77
CA UNK A 117 -9.67 24.57 -13.36
C UNK A 117 -8.70 23.61 -13.92
N UNK A 118 -8.45 22.83 -12.95
CA UNK A 118 -7.48 21.68 -12.94
C UNK A 118 -7.93 20.50 -12.11
N UNK A 119 -8.16 19.52 -13.08
CA UNK A 119 -8.62 18.34 -12.26
C UNK A 119 -7.64 17.19 -12.25
N UNK A 120 -7.87 16.41 -11.28
CA UNK A 120 -6.65 15.26 -10.87
C UNK A 120 -6.88 14.28 -11.83
N UNK A 121 -5.91 13.32 -11.56
CA UNK A 121 -5.89 12.14 -12.38
C UNK A 121 -6.11 10.97 -11.15
N UNK A 122 -7.30 10.75 -11.01
CA UNK A 122 -7.77 9.77 -9.90
C UNK A 122 -7.74 8.41 -10.18
N UNK A 123 -6.78 8.22 -11.28
CA UNK A 123 -6.76 6.86 -11.56
C UNK A 123 -5.31 6.29 -11.55
N UNK A 124 -4.38 7.09 -11.27
CA UNK A 124 -2.69 6.93 -11.13
C UNK A 124 -2.46 7.13 -9.62
N UNK A 125 -3.18 6.93 -8.65
CA UNK A 125 -3.18 7.12 -7.55
C UNK A 125 -2.21 5.96 -6.72
N UNK A 126 -1.49 6.36 -5.76
CA UNK A 126 -0.53 5.79 -4.93
C UNK A 126 -1.00 4.82 -3.82
N UNK A 127 -2.18 4.20 -4.24
CA UNK A 127 -2.88 3.21 -3.55
C UNK A 127 -4.56 3.39 -3.69
N UNK A 128 -4.78 2.21 -4.10
CA UNK A 128 -6.45 2.19 -4.52
C UNK A 128 -7.17 2.17 -3.27
N UNK A 129 -6.94 2.57 -2.31
CA UNK A 129 -7.42 2.95 -0.93
C UNK A 129 -6.72 3.74 -0.23
N UNK A 130 -7.22 4.71 0.31
CA UNK A 130 -6.51 5.70 1.28
C UNK A 130 -7.24 5.69 2.53
N UNK A 131 -6.52 5.70 3.76
CA UNK A 131 -7.24 5.69 5.00
C UNK A 131 -7.50 7.25 5.14
N UNK A 132 -8.46 7.43 6.24
CA UNK A 132 -8.72 8.60 6.66
C UNK A 132 -7.77 9.00 8.04
N UNK A 133 -7.07 10.19 7.63
CA UNK A 133 -6.12 10.78 8.45
C UNK A 133 -6.63 12.14 8.72
N UNK A 134 -6.63 12.54 10.11
CA UNK A 134 -6.90 14.09 10.25
C UNK A 134 -5.73 15.09 10.38
N UNK A 135 -5.98 16.25 9.96
CA UNK A 135 -4.80 17.05 9.83
C UNK A 135 -3.60 16.88 10.80
N UNK A 136 -4.09 17.26 12.18
CA UNK A 136 -2.89 17.09 13.15
C UNK A 136 -2.15 15.53 13.01
N UNK A 137 -2.61 14.75 12.73
CA UNK A 137 -2.11 13.39 12.46
C UNK A 137 -0.91 13.41 11.22
N UNK A 138 -1.64 13.59 10.25
CA UNK A 138 -0.68 13.80 8.87
C UNK A 138 0.51 14.40 9.28
N UNK A 139 0.48 15.77 9.56
CA UNK A 139 1.42 16.76 10.11
C UNK A 139 2.63 15.81 10.80
N UNK A 140 2.41 14.82 11.50
CA UNK A 140 3.37 14.26 12.33
C UNK A 140 4.34 13.30 11.78
N UNK A 141 4.35 12.91 10.39
CA UNK A 141 5.33 11.95 9.84
C UNK A 141 5.57 11.75 8.33
N UNK A 142 6.53 11.57 8.05
CA UNK A 142 7.25 11.39 6.54
C UNK A 142 6.56 10.01 5.85
N UNK A 143 5.37 9.41 6.26
CA UNK A 143 5.15 8.23 5.85
C UNK A 143 3.71 8.60 4.75
N UNK A 144 3.45 9.77 5.15
CA UNK A 144 2.25 10.53 4.18
C UNK A 144 2.02 9.94 2.94
N UNK A 145 2.99 8.98 2.40
CA UNK A 145 3.01 8.19 1.29
C UNK A 145 2.07 7.01 1.29
N UNK A 146 1.59 6.81 2.67
CA UNK A 146 0.89 5.62 3.08
C UNK A 146 -0.31 6.19 3.49
N UNK A 147 -0.34 7.56 3.77
CA UNK A 147 -1.31 8.52 4.32
C UNK A 147 -2.27 9.08 3.49
N UNK A 148 -1.56 9.68 2.24
CA UNK A 148 -2.52 10.26 1.42
C UNK A 148 -2.04 10.26 -0.24
N UNK A 149 -3.24 10.63 -0.92
CA UNK A 149 -3.00 10.44 -2.45
C UNK A 149 -2.30 11.42 -3.14
N UNK A 150 -2.56 12.79 -2.45
CA UNK A 150 -1.86 13.77 -3.13
C UNK A 150 -2.12 15.14 -2.45
N UNK A 151 -1.43 16.32 -2.86
CA UNK A 151 -1.45 17.49 -2.03
C UNK A 151 -1.22 18.66 -3.28
N UNK A 152 -2.20 19.82 -3.27
CA UNK A 152 -2.22 20.80 -4.38
C UNK A 152 -1.27 21.79 -3.83
N UNK A 153 -0.33 22.39 -4.66
CA UNK A 153 0.37 23.37 -4.52
C UNK A 153 -0.12 24.73 -5.07
N UNK A 154 -0.38 25.70 -4.11
CA UNK A 154 -0.88 27.06 -4.66
C UNK A 154 0.06 28.25 -4.66
N UNK A 155 0.28 28.84 -5.90
CA UNK A 155 1.22 29.83 -6.17
C UNK A 155 0.49 30.98 -6.60
N UNK A 156 0.95 32.17 -5.76
CA UNK A 156 0.22 33.32 -6.18
C UNK A 156 1.39 34.71 -6.32
N UNK A 157 1.38 34.91 -7.69
CA UNK A 157 2.32 35.89 -7.98
C UNK A 157 1.83 37.06 -8.81
N UNK A 158 2.28 38.24 -8.80
CA UNK A 158 1.56 39.20 -9.49
C UNK A 158 2.49 40.58 -9.22
N UNK A 159 2.25 40.97 -8.25
CA UNK A 159 2.94 42.15 -7.84
C UNK A 159 1.96 43.50 -7.56
N UNK A 160 1.48 43.69 -6.46
CA UNK A 160 0.75 44.84 -6.05
C UNK A 160 0.97 45.44 -4.80
N UNK A 161 0.02 45.03 -3.71
CA UNK A 161 0.01 45.42 -2.33
C UNK A 161 -1.42 45.59 -2.05
N UNK A 162 -2.12 44.61 -2.19
CA UNK A 162 -3.56 44.20 -1.91
C UNK A 162 -3.29 42.84 -0.94
N UNK A 163 -3.76 41.85 -1.50
CA UNK A 163 -3.73 40.48 -0.95
C UNK A 163 -4.67 39.50 -0.67
N UNK A 164 -6.11 39.66 -1.22
CA UNK A 164 -7.05 38.67 -0.95
C UNK A 164 -7.03 38.09 -2.60
N UNK A 165 -7.02 36.52 -2.33
CA UNK A 165 -7.00 35.74 -3.43
C UNK A 165 -8.42 35.13 -3.43
N UNK A 166 -8.66 35.14 -2.19
CA UNK A 166 -10.09 34.72 -1.91
C UNK A 166 -9.83 33.16 -1.22
N UNK A 167 -10.29 32.18 -1.77
CA UNK A 167 -10.27 30.82 -1.22
C UNK A 167 -10.49 30.03 -2.74
N UNK A 168 -10.71 28.66 -2.61
CA UNK A 168 -10.93 27.68 -3.57
C UNK A 168 -12.12 27.08 -3.16
N UNK A 169 -12.81 26.09 -4.12
CA UNK A 169 -14.00 25.29 -3.98
C UNK A 169 -13.74 24.12 -4.40
N UNK A 170 -13.72 22.95 -3.57
CA UNK A 170 -13.46 21.79 -3.99
C UNK A 170 -14.88 20.98 -4.26
N UNK A 171 -14.64 20.39 -5.50
CA UNK A 171 -15.82 19.60 -6.19
C UNK A 171 -15.31 18.24 -6.46
N UNK A 172 -15.78 17.25 -5.37
CA UNK A 172 -15.51 15.69 -5.50
C UNK A 172 -16.70 14.90 -5.36
N UNK A 173 -16.44 13.73 -5.77
CA UNK A 173 -17.38 12.55 -5.78
C UNK A 173 -16.41 11.39 -4.95
N UNK A 174 -16.88 11.58 -3.84
CA UNK A 174 -16.15 10.81 -2.88
C UNK A 174 -16.85 9.63 -2.46
N UNK A 175 -16.11 8.47 -2.04
CA UNK A 175 -16.57 7.10 -1.50
C UNK A 175 -16.09 6.90 -0.12
N UNK A 176 -17.28 6.50 0.57
CA UNK A 176 -17.04 6.12 2.10
C UNK A 176 -17.25 4.55 1.95
N UNK A 177 -16.28 3.79 2.51
CA UNK A 177 -16.50 2.41 2.65
C UNK A 177 -16.49 1.44 3.75
N UNK A 178 -15.78 2.04 5.00
CA UNK A 178 -15.77 1.06 6.10
C UNK A 178 -16.26 2.03 7.47
N UNK A 179 -17.45 1.81 7.61
CA UNK A 179 -17.95 2.59 8.72
C UNK A 179 -17.47 2.41 10.10
N UNK A 180 -17.01 3.58 10.92
CA UNK A 180 -16.53 3.39 12.31
C UNK A 180 -17.03 4.56 13.14
N UNK A 181 -16.79 4.56 14.37
CA UNK A 181 -17.29 5.73 15.20
C UNK A 181 -16.35 6.72 14.92
N UNK A 182 -17.08 7.88 14.51
CA UNK A 182 -15.90 9.07 14.10
C UNK A 182 -14.96 9.28 15.20
N UNK A 183 -15.44 9.47 16.31
CA UNK A 183 -14.72 9.48 17.55
C UNK A 183 -13.27 8.53 17.83
N UNK A 184 -13.50 7.36 17.41
CA UNK A 184 -12.28 6.39 17.28
C UNK A 184 -11.33 6.60 15.90
N UNK A 185 -11.58 7.78 15.48
CA UNK A 185 -11.35 8.36 14.24
C UNK A 185 -9.67 7.80 13.83
N UNK A 186 -9.65 6.44 13.55
CA UNK A 186 -8.68 5.67 13.28
C UNK A 186 -7.74 6.67 12.18
N UNK B 1 0.36 10.68 -20.38
CA UNK B 1 1.10 9.32 -20.24
C UNK B 1 2.06 9.34 -21.07
N UNK B 2 3.26 8.77 -20.65
CA UNK B 2 4.70 8.80 -21.48
C UNK B 2 5.20 7.24 -21.20
N UNK B 3 5.93 6.86 -22.17
CA UNK B 3 6.43 5.51 -22.44
C UNK B 3 7.86 5.72 -22.99
N UNK B 4 8.82 5.15 -22.16
CA UNK B 4 10.25 5.18 -22.99
C UNK B 4 10.76 3.82 -22.44
N UNK B 5 11.48 3.25 -23.68
CA UNK B 5 12.46 2.09 -23.67
C UNK B 5 13.88 2.50 -23.94
N UNK B 6 14.62 1.35 -23.53
CA UNK B 6 16.05 1.56 -24.08
C UNK B 6 16.79 0.21 -23.11
N UNK B 7 17.99 0.23 -23.53
CA UNK B 7 18.72 -0.74 -22.84
C UNK B 7 19.89 0.07 -22.14
N UNK B 8 20.86 -0.51 -21.32
CA UNK B 8 21.81 -0.10 -20.76
C UNK B 8 22.54 -0.86 -19.79
N UNK B 9 23.73 -0.65 -19.11
CA UNK B 9 24.70 -1.22 -18.28
C UNK B 9 24.21 -0.84 -16.90
N UNK B 10 23.99 -1.62 -15.93
CA UNK B 10 23.50 -1.82 -14.55
C UNK B 10 24.93 -1.21 -13.72
N UNK B 11 25.66 -1.98 -13.59
CA UNK B 11 27.09 -1.96 -12.75
C UNK B 11 27.59 -3.13 -12.75
N UNK B 12 28.78 -3.10 -12.34
CA UNK B 12 29.75 -4.26 -12.34
C UNK B 12 30.24 -4.84 -10.67
N UNK B 13 30.50 -6.00 -11.09
CA UNK B 13 30.99 -6.77 -9.71
C UNK B 13 32.21 -7.73 -9.85
N UNK B 14 32.92 -7.91 -8.88
CA UNK B 14 34.36 -8.67 -9.15
C UNK B 14 33.91 -10.04 -8.59
N UNK B 15 34.41 -10.82 -9.70
CA UNK B 15 34.43 -12.37 -9.42
C UNK B 15 35.63 -12.94 -9.01
N UNK B 16 35.64 -13.73 -7.63
CA UNK B 16 36.85 -14.29 -7.22
C UNK B 16 36.39 -15.85 -6.94
N UNK B 17 37.36 -16.42 -6.10
CA UNK B 17 36.90 -17.80 -5.55
C UNK B 17 35.94 -17.81 -4.73
N UNK B 18 35.93 -16.64 -3.90
CA UNK B 18 35.21 -16.66 -2.66
C UNK B 18 33.99 -15.51 -3.07
N UNK B 19 32.80 -15.91 -2.38
CA UNK B 19 31.60 -15.16 -2.53
C UNK B 19 31.57 -13.59 -1.97
N UNK B 20 30.84 -12.82 -2.94
CA UNK B 20 30.34 -11.46 -2.67
C UNK B 20 29.14 -11.29 -2.81
N UNK B 21 28.41 -10.91 -1.84
CA UNK B 21 26.74 -10.55 -1.71
C UNK B 21 26.48 -9.18 -1.85
N UNK B 22 25.99 -9.00 -3.22
CA UNK B 22 25.50 -7.45 -3.51
C UNK B 22 24.06 -7.28 -4.06
N UNK B 23 23.56 -6.11 -4.06
CA UNK B 23 22.36 -5.74 -3.92
C UNK B 23 22.10 -4.18 -4.61
N UNK B 24 21.38 -4.00 -5.58
CA UNK B 24 21.13 -3.03 -6.27
C UNK B 24 19.45 -2.86 -6.41
N UNK B 25 18.95 -1.50 -6.14
CA UNK B 25 17.74 -1.13 -6.00
C UNK B 25 17.04 -1.34 -7.52
N UNK B 26 15.85 -1.75 -7.66
CA UNK B 26 15.37 -1.95 -8.76
C UNK B 26 14.16 -0.80 -9.18
N UNK B 27 14.85 0.38 -8.77
CA UNK B 27 14.12 1.54 -9.18
C UNK B 27 14.82 2.33 -10.15
N UNK B 28 14.10 3.10 -11.12
CA UNK B 28 14.57 3.69 -11.95
C UNK B 28 15.75 4.69 -11.80
N UNK B 29 15.99 4.69 -10.56
CA UNK B 29 16.92 5.68 -10.00
C UNK B 29 18.37 4.92 -10.28
N UNK B 30 18.39 3.76 -9.46
CA UNK B 30 19.59 2.80 -9.59
C UNK B 30 19.61 1.83 -10.97
N UNK B 31 18.42 2.20 -11.66
CA UNK B 31 18.20 1.02 -12.90
C UNK B 31 19.39 1.43 -13.59
N UNK B 32 19.60 2.60 -14.00
CA UNK B 32 20.56 3.01 -15.11
C UNK B 32 21.02 4.38 -14.83
N UNK B 33 21.96 4.98 -15.66
CA UNK B 33 22.18 6.55 -15.53
C UNK B 33 21.45 7.31 -16.49
N UNK B 34 20.74 6.92 -17.46
CA UNK B 34 19.78 7.48 -18.29
C UNK B 34 18.57 7.46 -17.87
N UNK B 35 17.88 6.28 -17.46
CA UNK B 35 16.69 6.46 -16.77
C UNK B 35 16.43 7.43 -15.81
N UNK B 36 17.37 7.45 -14.97
CA UNK B 36 17.59 8.62 -13.73
C UNK B 36 17.58 9.98 -14.29
N UNK B 37 18.29 10.19 -15.25
CA UNK B 37 18.74 11.57 -15.80
C UNK B 37 17.31 11.74 -16.36
N UNK B 38 16.61 10.94 -17.05
CA UNK B 38 15.42 10.73 -17.74
C UNK B 38 13.98 10.70 -16.92
N UNK B 39 13.76 9.53 -16.50
CA UNK B 39 12.57 9.32 -15.54
C UNK B 39 12.78 10.49 -14.29
N UNK B 40 13.74 10.70 -14.01
CA UNK B 40 13.72 12.07 -12.91
C UNK B 40 12.75 13.03 -13.19
N UNK B 41 12.26 13.41 -14.30
CA UNK B 41 11.52 14.57 -14.71
C UNK B 41 10.09 14.16 -14.44
N UNK B 42 10.12 12.79 -13.89
CA UNK B 42 8.46 12.18 -13.47
C UNK B 42 8.45 12.18 -11.82
N UNK B 43 7.26 12.16 -11.41
CA UNK B 43 7.26 11.97 -10.02
C UNK B 43 7.28 10.61 -9.47
N UNK B 44 6.33 9.80 -9.75
CA UNK B 44 6.36 8.44 -9.20
C UNK B 44 6.86 7.47 -10.58
N UNK B 45 6.63 6.10 -10.43
CA UNK B 45 6.89 5.13 -11.39
C UNK B 45 6.20 3.75 -11.26
N UNK B 46 5.97 3.16 -12.50
CA UNK B 46 5.52 1.98 -12.51
C UNK B 46 6.24 1.21 -14.02
N UNK B 47 6.75 -0.15 -13.47
CA UNK B 47 7.24 -0.92 -14.57
C UNK B 47 6.53 -1.71 -15.26
N UNK B 48 6.78 -1.71 -16.51
CA UNK B 48 6.30 -2.10 -17.89
C UNK B 48 6.81 -3.46 -18.15
N UNK B 49 8.24 -3.64 -18.43
CA UNK B 49 8.98 -4.80 -18.84
C UNK B 49 10.17 -4.78 -18.43
N UNK B 50 10.66 -5.74 -17.32
CA UNK B 50 11.86 -5.72 -16.91
C UNK B 50 12.60 -7.08 -16.77
N UNK B 51 13.79 -7.25 -17.45
CA UNK B 51 14.53 -8.42 -17.87
C UNK B 51 15.96 -8.19 -17.59
N UNK B 52 16.69 -8.57 -16.90
CA UNK B 52 18.11 -8.35 -16.62
C UNK B 52 19.09 -9.31 -17.18
N UNK B 53 19.79 -8.91 -17.86
CA UNK B 53 20.77 -9.68 -18.97
C UNK B 53 22.20 -9.65 -18.14
N UNK B 54 22.70 -10.82 -18.14
CA UNK B 54 24.14 -11.19 -17.86
C UNK B 54 25.10 -11.36 -18.96
N UNK B 55 26.29 -11.15 -19.09
CA UNK B 55 27.50 -11.52 -20.06
C UNK B 55 28.68 -11.31 -19.37
N UNK B 56 29.65 -11.87 -20.19
CA UNK B 56 31.08 -12.05 -19.64
C UNK B 56 32.04 -11.44 -20.47
N UNK B 57 33.22 -11.42 -20.05
CA UNK B 57 34.17 -10.83 -20.88
C UNK B 57 35.61 -11.38 -20.05
N UNK B 58 35.40 -12.36 -19.36
CA UNK B 58 36.36 -13.13 -18.80
C UNK B 58 36.63 -14.69 -18.94
N UNK B 59 37.60 -15.46 -18.39
CA UNK B 59 37.85 -16.62 -18.80
C UNK B 59 37.15 -17.61 -18.11
N UNK B 60 37.18 -18.97 -18.39
CA UNK B 60 36.48 -20.16 -17.97
C UNK B 60 37.44 -20.73 -17.14
N UNK B 61 38.39 -20.32 -16.59
CA UNK B 61 39.36 -20.89 -15.76
C UNK B 61 38.87 -20.51 -14.38
N UNK B 62 38.13 -19.54 -14.24
CA UNK B 62 37.41 -18.96 -13.01
C UNK B 62 36.23 -19.77 -12.87
N UNK B 63 36.48 -20.74 -12.18
CA UNK B 63 35.30 -21.93 -11.77
C UNK B 63 34.33 -20.97 -11.21
N UNK B 64 33.14 -21.37 -11.35
CA UNK B 64 31.93 -20.62 -10.66
C UNK B 64 30.50 -20.63 -11.49
N UNK B 65 29.77 -19.48 -11.08
CA UNK B 65 28.57 -19.50 -11.50
C UNK B 65 27.83 -18.34 -11.08
N UNK B 66 27.10 -17.37 -11.77
CA UNK B 66 26.37 -16.22 -11.36
C UNK B 66 25.18 -16.62 -10.67
N UNK B 67 24.69 -16.05 -9.85
CA UNK B 67 23.25 -16.07 -9.02
C UNK B 67 22.75 -14.91 -9.03
N UNK B 68 21.32 -14.74 -9.57
CA UNK B 68 20.58 -13.77 -9.45
C UNK B 68 19.16 -13.99 -8.89
N UNK B 69 18.90 -13.02 -7.93
CA UNK B 69 17.70 -13.23 -6.96
C UNK B 69 16.73 -12.08 -6.96
N UNK B 70 15.54 -12.29 -6.83
CA UNK B 70 14.56 -11.14 -6.83
C UNK B 70 13.61 -11.35 -5.45
N UNK B 71 13.36 -10.18 -5.03
CA UNK B 71 12.63 -10.00 -3.52
C UNK B 71 11.65 -9.03 -3.80
N UNK B 72 11.17 -8.65 -2.42
CA UNK B 72 10.20 -7.49 -2.42
C UNK B 72 9.71 -7.11 -1.04
N UNK B 73 10.43 -7.30 -0.08
CA UNK B 73 10.18 -7.30 1.17
C UNK B 73 11.37 -6.50 1.86
N UNK B 74 11.35 -5.33 1.86
CA UNK B 74 12.53 -4.14 2.27
C UNK B 74 13.01 -4.91 3.65
N UNK B 75 12.30 -5.31 4.34
CA UNK B 75 12.55 -5.90 5.58
C UNK B 75 13.53 -7.05 5.59
N UNK B 76 13.30 -8.03 4.62
CA UNK B 76 14.03 -8.99 4.49
C UNK B 76 15.47 -8.77 4.77
N UNK B 77 16.21 -10.13 4.90
CA UNK B 77 17.63 -9.91 5.18
C UNK B 77 18.36 -10.48 3.94
N UNK B 78 19.55 -9.69 3.80
CA UNK B 78 20.51 -10.06 2.42
C UNK B 78 20.77 -11.42 2.56
N UNK B 79 20.31 -12.21 1.45
CA UNK B 79 20.81 -13.37 1.46
C UNK B 79 22.25 -13.74 1.74
N UNK B 80 22.49 -14.71 2.43
CA UNK B 80 23.94 -14.88 2.99
C UNK B 80 24.90 -15.65 1.88
N UNK B 81 24.44 -16.63 1.33
CA UNK B 81 25.18 -17.59 0.36
C UNK B 81 24.46 -17.61 -0.89
N UNK B 82 24.72 -18.58 -1.85
CA UNK B 82 24.02 -19.18 -3.09
C UNK B 82 22.83 -19.78 -2.67
N UNK B 83 23.08 -20.56 -1.71
CA UNK B 83 22.14 -21.74 -0.88
C UNK B 83 20.69 -21.18 -0.88
N UNK B 84 20.67 -20.01 -0.05
CA UNK B 84 19.48 -19.45 0.35
C UNK B 84 18.98 -18.67 -1.02
N UNK B 85 19.92 -18.07 -1.85
CA UNK B 85 19.68 -17.30 -2.82
C UNK B 85 19.21 -18.09 -3.92
N UNK B 86 19.48 -19.45 -3.78
CA UNK B 86 19.02 -20.24 -4.89
C UNK B 86 17.59 -20.84 -4.89
N UNK B 87 16.86 -20.27 -3.64
CA UNK B 87 15.67 -20.29 -3.24
C UNK B 87 14.70 -19.33 -3.51
N UNK B 88 15.40 -18.34 -4.20
CA UNK B 88 14.66 -16.99 -4.34
C UNK B 88 13.95 -17.19 -5.86
N UNK B 89 13.22 -16.23 -5.73
CA UNK B 89 12.02 -16.25 -6.96
C UNK B 89 12.98 -16.05 -8.35
N UNK B 90 12.75 -17.22 -8.76
CA UNK B 90 13.47 -17.40 -10.28
C UNK B 90 14.91 -17.38 -10.27
N UNK B 91 15.64 -18.54 -9.86
CA UNK B 91 16.84 -18.71 -9.72
C UNK B 91 17.57 -19.28 -10.96
N UNK B 92 18.76 -19.07 -11.09
CA UNK B 92 19.73 -19.45 -12.47
C UNK B 92 21.15 -19.04 -11.92
N UNK B 93 22.12 -19.99 -12.47
CA UNK B 93 23.56 -19.97 -12.47
C UNK B 93 24.05 -20.16 -13.58
N UNK B 94 25.23 -19.56 -13.99
CA UNK B 94 25.95 -19.55 -15.22
C UNK B 94 27.61 -19.13 -15.08
N UNK B 95 28.10 -19.71 -15.92
CA UNK B 95 29.76 -19.29 -15.78
C UNK B 95 29.75 -17.92 -16.33
N UNK B 96 30.69 -16.94 -15.78
CA UNK B 96 30.91 -15.76 -16.19
C UNK B 96 31.38 -15.55 -17.57
N UNK B 97 31.88 -16.72 -18.39
CA UNK B 97 31.88 -16.52 -19.78
C UNK B 97 30.94 -17.13 -20.60
N UNK B 98 29.99 -17.72 -19.77
CA UNK B 98 28.55 -18.14 -20.33
C UNK B 98 27.82 -16.98 -20.74
N UNK B 99 28.30 -16.78 -22.13
CA UNK B 99 27.80 -15.62 -22.96
C UNK B 99 28.28 -15.21 -24.06
N UNK B 100 28.78 -16.38 -24.88
CA UNK B 100 29.49 -16.37 -26.13
C UNK B 100 28.77 -15.61 -27.09
N UNK B 101 27.34 -16.02 -26.82
CA UNK B 101 26.14 -15.64 -27.51
C UNK B 101 25.87 -14.09 -27.37
N UNK B 102 25.62 -13.70 -26.41
CA UNK B 102 25.12 -12.15 -25.85
C UNK B 102 24.40 -11.58 -27.10
N UNK B 103 23.66 -10.42 -26.69
CA UNK B 103 22.93 -9.64 -27.65
C UNK B 103 21.50 -9.48 -27.38
N UNK B 104 20.55 -10.47 -27.93
CA UNK B 104 19.12 -10.29 -27.66
C UNK B 104 18.38 -9.13 -27.25
N UNK B 105 18.38 -9.33 -25.86
CA UNK B 105 17.64 -8.37 -24.90
C UNK B 105 18.34 -6.99 -25.05
N UNK B 106 19.78 -6.97 -25.04
CA UNK B 106 20.47 -5.59 -25.18
C UNK B 106 20.23 -5.01 -26.42
N UNK B 107 20.71 -5.58 -27.25
CA UNK B 107 20.71 -5.00 -28.90
C UNK B 107 19.50 -4.24 -29.04
N UNK B 108 18.31 -4.85 -28.63
CA UNK B 108 17.11 -4.28 -29.05
C UNK B 108 16.64 -4.68 -30.43
N UNK B 109 16.91 -6.04 -30.28
CA UNK B 109 16.69 -7.21 -31.52
C UNK B 109 15.74 -8.01 -30.97
N UNK B 110 14.54 -7.83 -31.11
CA UNK B 110 13.36 -9.02 -30.70
C UNK B 110 13.85 -9.99 -29.59
N UNK B 111 15.05 -10.17 -29.45
CA UNK B 111 15.78 -10.94 -28.49
C UNK B 111 15.33 -12.31 -28.77
N UNK B 112 16.30 -13.27 -28.49
CA UNK B 112 16.32 -14.64 -28.76
C UNK B 112 16.58 -15.61 -27.25
N UNK B 113 17.31 -16.57 -27.38
CA UNK B 113 17.56 -17.35 -26.41
C UNK B 113 19.00 -17.91 -26.41
N UNK B 114 19.94 -17.50 -25.86
CA UNK B 114 21.39 -17.87 -25.58
C UNK B 114 21.39 -18.06 -24.20
N UNK B 115 22.33 -17.07 -23.65
CA UNK B 115 22.33 -17.08 -21.99
C UNK B 115 21.59 -15.91 -21.58
N UNK B 116 20.17 -16.33 -21.30
CA UNK B 116 19.19 -15.37 -20.76
C UNK B 116 19.42 -14.78 -19.52
N UNK B 117 18.22 -14.59 -18.83
CA UNK B 117 18.20 -13.81 -17.73
C UNK B 117 17.02 -14.42 -16.48
N UNK B 118 16.04 -13.27 -16.49
CA UNK B 118 14.86 -13.67 -15.80
C UNK B 118 13.88 -12.52 -15.80
N UNK B 119 12.69 -12.54 -16.21
CA UNK B 119 11.71 -11.38 -16.21
C UNK B 119 10.75 -11.20 -15.11
N UNK B 120 10.73 -10.03 -15.11
CA UNK B 120 10.00 -9.07 -14.14
C UNK B 120 8.57 -9.68 -14.15
N UNK B 121 7.86 -9.69 -12.91
CA UNK B 121 6.19 -9.91 -12.78
C UNK B 121 5.45 -8.94 -12.64
N UNK B 122 4.96 -8.18 -14.02
CA UNK B 122 3.99 -7.02 -14.02
C UNK B 122 2.56 -7.24 -13.47
N UNK B 123 2.58 -8.60 -12.92
CA UNK B 123 1.14 -8.82 -12.36
C UNK B 123 1.15 -8.82 -10.71
N UNK B 124 2.34 -8.80 -10.29
CA UNK B 124 2.35 -9.00 -8.91
C UNK B 124 2.79 -7.43 -8.36
N UNK B 125 3.98 -7.21 -7.67
CA UNK B 125 4.20 -6.04 -7.26
C UNK B 125 3.72 -5.65 -5.88
N UNK B 126 3.46 -4.48 -5.47
CA UNK B 126 2.97 -4.11 -4.09
C UNK B 126 2.94 -2.54 -4.36
N UNK B 127 2.46 -2.16 -5.47
CA UNK B 127 2.45 -0.79 -6.02
C UNK B 127 1.96 -0.61 -7.40
N UNK B 128 0.76 -0.04 -7.82
CA UNK B 128 0.52 -0.24 -9.34
C UNK B 128 1.70 0.75 -10.03
N UNK B 129 2.17 1.54 -8.92
CA UNK B 129 3.11 2.53 -9.20
C UNK B 129 4.06 2.74 -8.09
N UNK B 130 5.01 3.35 -8.09
CA UNK B 130 6.20 3.75 -7.12
C UNK B 130 6.64 5.32 -7.39
N UNK B 131 6.63 5.91 -6.57
CA UNK B 131 7.10 7.48 -6.84
C UNK B 131 8.53 7.31 -7.12
N UNK B 132 9.23 8.29 -7.81
CA UNK B 132 10.67 8.32 -7.81
C UNK B 132 11.12 9.10 -6.71
N UNK B 133 11.87 8.14 -6.01
CA UNK B 133 12.81 8.35 -4.91
C UNK B 133 14.48 8.39 -5.32
N UNK B 134 15.18 9.17 -4.63
CA UNK B 134 16.61 9.58 -4.90
C UNK B 134 17.12 8.23 -4.35
N UNK B 135 18.55 7.86 -4.90
CA UNK B 135 19.29 6.70 -4.48
C UNK B 135 19.76 7.10 -3.11
N UNK B 136 19.98 8.27 -2.70
CA UNK B 136 20.21 8.87 -1.45
C UNK B 136 19.25 8.85 -0.63
N UNK B 137 18.29 9.42 -0.63
CA UNK B 137 17.09 9.21 0.34
C UNK B 137 16.87 8.03 0.76
N UNK B 138 16.41 7.24 -0.35
CA UNK B 138 16.20 5.67 -0.49
C UNK B 138 17.16 5.30 0.62
N UNK B 139 18.59 5.13 0.34
CA UNK B 139 19.55 4.56 1.17
C UNK B 139 19.31 4.95 2.97
N UNK B 140 19.29 6.11 2.97
CA UNK B 140 19.04 6.90 4.48
C UNK B 140 17.85 6.48 5.17
N UNK B 141 16.89 6.48 4.34
CA UNK B 141 15.46 6.25 4.89
C UNK B 141 15.48 4.89 5.45
N UNK B 142 15.02 3.71 4.61
CA UNK B 142 14.81 2.54 5.04
C UNK B 142 13.62 1.93 5.45
N UNK B 143 12.65 2.70 4.89
CA UNK B 143 11.23 2.29 5.17
C UNK B 143 10.52 2.07 3.64
N UNK B 144 11.23 1.89 2.96
CA UNK B 144 11.00 1.69 1.44
C UNK B 144 9.82 0.50 1.02
N UNK B 145 9.35 -0.09 1.85
CA UNK B 145 8.17 -1.09 1.71
C UNK B 145 7.45 -0.32 0.75
N UNK B 146 7.19 0.85 1.16
CA UNK B 146 6.46 1.62 0.19
C UNK B 146 7.40 2.61 -0.92
N UNK B 147 8.60 2.43 -0.77
CA UNK B 147 9.54 3.22 -1.32
C UNK B 147 9.80 2.44 -2.84
N UNK B 148 9.82 1.28 -2.84
CA UNK B 148 10.06 0.50 -4.35
C UNK B 148 9.37 -0.88 -4.22
N UNK B 149 9.62 -1.46 -5.46
CA UNK B 149 8.69 -2.84 -5.73
C UNK B 149 9.66 -3.80 -5.46
N UNK B 150 11.10 -3.97 -5.73
CA UNK B 150 11.83 -5.13 -5.32
C UNK B 150 13.27 -4.72 -5.59
N UNK B 151 14.24 -5.48 -5.04
CA UNK B 151 15.66 -5.46 -5.04
C UNK B 151 15.92 -6.63 -5.45
N UNK B 152 16.89 -6.81 -6.55
CA UNK B 152 17.62 -7.96 -6.97
C UNK B 152 19.05 -8.14 -6.41
N UNK B 153 19.32 -9.50 -6.27
CA UNK B 153 20.52 -9.87 -5.58
C UNK B 153 21.25 -10.83 -6.54
N UNK B 154 22.67 -10.22 -6.54
CA UNK B 154 23.65 -10.80 -7.37
C UNK B 154 24.61 -11.37 -6.54
N UNK B 155 25.10 -12.72 -6.81
CA UNK B 155 26.07 -13.29 -5.99
C UNK B 155 27.04 -13.86 -6.81
N UNK B 156 28.47 -14.03 -6.26
CA UNK B 156 29.68 -14.41 -7.23
C UNK B 156 30.41 -15.37 -6.53
N UNK B 157 30.20 -16.74 -6.39
CA UNK B 157 30.93 -17.70 -5.70
C UNK B 157 31.42 -18.67 -7.08
N UNK B 158 32.38 -19.05 -6.80
CA UNK B 158 33.12 -20.01 -7.76
C UNK B 158 34.78 -19.60 -7.63
N UNK B 159 35.25 -18.99 -8.45
CA UNK B 159 36.68 -18.58 -8.72
C UNK B 159 37.89 -19.34 -8.59
N UNK B 160 38.83 -18.75 -8.58
CA UNK B 160 40.28 -19.31 -8.59
C UNK B 160 40.97 -18.32 -7.62
N UNK B 161 41.68 -17.33 -8.31
CA UNK B 161 42.62 -16.35 -7.76
C UNK B 161 42.36 -14.99 -8.72
N UNK B 162 41.88 -15.19 -9.83
CA UNK B 162 41.63 -14.21 -10.52
C UNK B 162 40.41 -13.06 -10.11
N UNK B 163 39.69 -12.88 -11.07
CA UNK B 163 38.48 -11.93 -10.94
C UNK B 163 38.00 -11.73 -12.32
N UNK B 164 37.27 -10.57 -12.73
CA UNK B 164 36.79 -10.39 -14.12
C UNK B 164 35.12 -10.61 -13.99
N UNK B 165 34.65 -10.81 -15.08
CA UNK B 165 33.22 -11.43 -15.09
C UNK B 165 32.73 -10.65 -16.46
N UNK B 166 31.53 -10.09 -16.05
CA UNK B 166 30.56 -9.71 -17.16
C UNK B 166 29.83 -8.36 -16.47
N UNK B 167 28.87 -7.98 -16.75
CA UNK B 167 28.13 -6.82 -16.34
C UNK B 167 26.46 -7.25 -16.48
N UNK B 168 25.73 -6.47 -15.79
CA UNK B 168 24.30 -6.50 -15.78
C UNK B 168 23.81 -5.33 -16.61
N UNK B 169 23.09 -5.74 -17.59
CA UNK B 169 22.61 -4.76 -18.69
C UNK B 169 20.92 -4.80 -18.28
N UNK B 170 20.19 -3.83 -18.14
CA UNK B 170 18.76 -3.86 -18.14
C UNK B 170 18.04 -3.28 -19.39
N UNK B 171 16.85 -3.69 -19.52
CA UNK B 171 16.36 -3.31 -20.63
C UNK B 171 14.69 -3.34 -20.22
N UNK B 172 14.20 -2.18 -20.22
CA UNK B 172 12.99 -2.00 -19.53
C UNK B 172 11.78 -1.04 -20.22
N UNK B 173 10.59 -1.25 -20.09
CA UNK B 173 9.63 -0.49 -20.64
C UNK B 173 8.89 0.08 -19.40
N UNK B 174 9.59 1.27 -18.98
CA UNK B 174 9.11 2.04 -17.88
C UNK B 174 8.13 2.81 -18.43
N UNK B 175 7.17 3.37 -17.61
CA UNK B 175 6.20 4.33 -17.88
C UNK B 175 6.18 5.50 -17.06
N UNK B 176 6.16 6.88 -17.61
CA UNK B 176 5.90 8.03 -17.20
C UNK B 176 4.69 8.41 -16.23
N UNK B 177 4.93 8.80 -15.27
CA UNK B 177 3.73 9.18 -14.30
C UNK B 177 3.46 10.53 -14.44
N UNK B 178 3.45 11.31 -13.34
CA UNK B 178 3.19 12.68 -13.48
C UNK B 178 4.37 13.68 -13.34
N UNK B 179 4.59 14.65 -14.02
CA UNK B 179 5.78 15.65 -13.89
C UNK B 179 5.76 16.04 -12.52
N UNK B 180 6.95 16.45 -12.37
CA UNK B 180 7.66 17.04 -11.13
C UNK B 180 8.84 17.65 -11.55
N UNK B 181 9.06 19.02 -10.85
CA UNK B 181 10.24 19.63 -11.26
C UNK B 181 11.69 18.68 -10.99
N UNK B 182 12.17 18.48 -12.09
CA UNK B 182 13.15 17.33 -12.08
C UNK B 182 14.10 17.74 -10.71
N UNK B 183 14.56 18.92 -10.71
CA UNK B 183 15.26 19.51 -9.46
C UNK B 183 14.31 19.30 -8.09
N UNK B 184 13.12 19.29 -8.51
CA UNK B 184 12.16 18.88 -7.40
C UNK B 184 12.18 17.71 -6.57
N UNK B 185 11.94 17.70 -5.33
CA UNK B 185 12.20 16.34 -4.36
C UNK B 185 11.27 15.36 -4.92
N UNK B 186 10.06 15.92 -5.33
CA UNK B 186 9.12 14.93 -5.88
C UNK B 186 9.38 13.57 -5.75
N UNK C 1 -42.46 -19.66 18.35
CA UNK C 1 -41.48 -20.62 18.64
C UNK C 1 -40.31 -19.82 19.33
N UNK C 2 -39.81 -20.98 20.16
CA UNK C 2 -38.86 -20.38 20.98
C UNK C 2 -38.60 -21.55 22.23
N UNK C 3 -37.87 -22.51 22.10
CA UNK C 3 -37.62 -23.29 23.06
C UNK C 3 -35.95 -23.46 23.20
N UNK C 4 -35.72 -22.87 24.45
CA UNK C 4 -34.28 -23.04 24.99
C UNK C 4 -34.03 -24.21 25.42
N UNK C 5 -32.58 -24.57 24.86
CA UNK C 5 -32.09 -25.93 25.41
C UNK C 5 -31.37 -25.53 26.38
N UNK C 6 -30.41 -26.29 26.94
CA UNK C 6 -29.46 -25.88 28.31
C UNK C 6 -28.03 -25.47 28.04
N UNK C 7 -27.54 -26.24 26.94
CA UNK C 7 -26.11 -25.83 26.66
C UNK C 7 -26.10 -26.80 25.28
N UNK C 8 -24.91 -26.40 24.60
CA UNK C 8 -24.41 -27.17 23.49
C UNK C 8 -22.99 -26.37 22.94
N UNK C 9 -22.74 -26.95 21.70
CA UNK C 9 -21.31 -26.73 21.15
C UNK C 9 -21.30 -27.13 19.77
N UNK C 10 -20.33 -27.89 19.50
CA UNK C 10 -20.09 -28.47 18.26
C UNK C 10 -18.88 -29.23 18.40
N UNK C 11 -18.86 -30.40 17.57
CA UNK C 11 -17.65 -31.36 17.43
C UNK C 11 -16.94 -30.77 16.19
N UNK C 12 -16.24 -29.77 16.32
CA UNK C 12 -15.28 -29.56 14.95
C UNK C 12 -14.54 -30.73 14.54
N UNK C 13 -15.26 -31.13 13.57
CA UNK C 13 -14.51 -32.48 12.89
C UNK C 13 -13.33 -32.07 12.19
N UNK C 14 -12.12 -32.44 12.89
CA UNK C 14 -10.70 -32.03 12.61
C UNK C 14 -10.20 -33.00 11.23
N UNK C 15 -9.97 -32.21 10.26
CA UNK C 15 -9.25 -32.79 9.03
C UNK C 15 -7.82 -32.19 9.02
N UNK C 16 -7.34 -32.37 7.92
CA UNK C 16 -6.15 -31.57 7.79
C UNK C 16 -6.17 -30.59 6.68
N UNK C 17 -4.99 -29.79 6.54
CA UNK C 17 -4.76 -28.62 5.30
C UNK C 17 -4.75 -29.40 4.20
N UNK C 18 -5.00 -28.62 3.23
CA UNK C 18 -5.00 -29.01 1.85
C UNK C 18 -3.82 -28.22 0.89
N UNK C 19 -2.84 -28.99 0.61
CA UNK C 19 -1.42 -28.37 -0.21
C UNK C 19 -1.90 -28.19 -1.60
N UNK C 20 -1.67 -27.21 -2.28
CA UNK C 20 -2.16 -27.02 -3.66
C UNK C 20 -1.70 -25.65 -4.21
N UNK C 21 -1.45 -25.65 -5.46
CA UNK C 21 -1.00 -24.27 -6.01
C UNK C 21 -0.99 -24.27 -7.66
N UNK C 22 -1.26 -23.10 -8.08
CA UNK C 22 -1.50 -22.72 -9.60
C UNK C 22 -0.31 -22.89 -10.29
N UNK C 23 0.40 -21.72 -10.71
CA UNK C 23 1.59 -21.30 -11.39
C UNK C 23 2.54 -21.09 -10.29
N UNK C 24 3.00 -19.91 -10.28
CA UNK C 24 4.19 -19.50 -9.32
C UNK C 24 3.70 -19.12 -7.94
N UNK C 25 2.52 -19.73 -7.53
CA UNK C 25 2.03 -19.35 -6.15
C UNK C 25 1.09 -20.92 -5.87
N UNK C 26 1.33 -20.92 -4.63
CA UNK C 26 0.64 -22.30 -3.66
C UNK C 26 -0.57 -21.53 -2.98
N UNK C 27 -1.75 -22.32 -2.84
CA UNK C 27 -2.71 -21.96 -2.29
C UNK C 27 -2.70 -22.73 -0.91
N UNK C 28 -2.95 -22.15 0.33
CA UNK C 28 -3.19 -22.74 1.58
C UNK C 28 -4.63 -22.37 2.12
N UNK C 29 -5.09 -23.35 2.40
CA UNK C 29 -6.52 -23.39 3.23
C UNK C 29 -6.51 -24.35 4.33
N UNK C 30 -6.76 -23.77 5.57
CA UNK C 30 -6.99 -24.36 6.82
C UNK C 30 -7.72 -23.59 7.50
N UNK C 31 -7.95 -24.18 8.75
CA UNK C 31 -8.68 -23.61 9.99
C UNK C 31 -7.96 -24.18 11.23
N UNK C 32 -7.73 -23.20 12.20
CA UNK C 32 -7.25 -23.58 13.29
C UNK C 32 -7.74 -22.81 14.41
N UNK C 33 -7.50 -22.80 15.64
CA UNK C 33 -8.23 -22.23 16.88
C UNK C 33 -7.30 -21.04 16.89
N UNK C 34 -8.03 -19.89 17.30
CA UNK C 34 -7.81 -18.51 17.16
C UNK C 34 -6.87 -18.11 18.54
N UNK C 35 -7.83 -17.93 19.64
CA UNK C 35 -7.35 -17.53 21.03
C UNK C 35 -8.54 -17.94 21.71
N UNK C 36 -8.80 -16.96 22.68
CA UNK C 36 -9.99 -17.18 23.64
C UNK C 36 -10.26 -15.82 24.33
N UNK C 37 -11.46 -15.25 23.91
CA UNK C 37 -11.95 -14.08 24.74
C UNK C 37 -12.67 -14.69 25.98
N UNK C 38 -11.96 -14.28 26.95
CA UNK C 38 -12.43 -14.48 28.33
C UNK C 38 -12.93 -13.32 29.15
N UNK C 39 -13.89 -13.34 29.99
CA UNK C 39 -14.39 -12.17 30.81
C UNK C 39 -16.05 -12.59 30.67
N UNK C 40 -16.55 -11.43 31.49
CA UNK C 40 -17.98 -11.45 31.49
C UNK C 40 -18.24 -10.28 32.73
N UNK C 41 -19.21 -9.71 32.73
CA UNK C 41 -19.46 -8.74 33.70
C UNK C 41 -19.25 -7.18 33.01
N UNK C 42 -18.06 -6.76 33.15
CA UNK C 42 -17.61 -5.39 32.59
C UNK C 42 -17.37 -5.58 31.08
N UNK C 43 -17.38 -4.41 30.25
CA UNK C 43 -17.14 -4.41 29.01
C UNK C 43 -15.46 -4.77 28.87
N UNK C 44 -14.97 -5.35 28.04
CA UNK C 44 -13.77 -5.73 27.91
C UNK C 44 -13.28 -6.11 26.53
N UNK C 45 -12.10 -5.70 25.84
CA UNK C 45 -11.85 -5.69 24.60
C UNK C 45 -10.18 -6.06 24.46
N UNK C 46 -9.92 -7.03 23.50
CA UNK C 46 -8.72 -7.40 23.36
C UNK C 46 -8.49 -7.00 21.85
N UNK C 47 -7.28 -7.57 21.43
CA UNK C 47 -7.28 -7.57 19.78
C UNK C 47 -6.07 -8.14 19.36
N UNK C 48 -6.30 -8.73 18.12
CA UNK C 48 -5.34 -9.30 17.30
C UNK C 48 -5.58 -8.92 15.77
N UNK C 49 -4.15 -8.70 15.23
CA UNK C 49 -4.15 -8.50 13.85
C UNK C 49 -4.37 -9.48 12.88
N UNK C 50 -5.09 -9.30 11.91
CA UNK C 50 -5.55 -10.09 10.81
C UNK C 50 -4.35 -10.45 9.85
N UNK C 51 -3.39 -10.64 10.40
CA UNK C 51 -1.95 -11.20 9.57
C UNK C 51 -1.45 -12.37 9.57
N UNK C 52 -0.96 -12.94 8.74
CA UNK C 52 -0.46 -14.30 8.48
C UNK C 52 0.26 -14.88 9.71
N UNK C 53 0.97 -14.08 10.41
CA UNK C 53 1.69 -14.65 11.65
C UNK C 53 0.98 -14.66 12.89
N UNK C 54 0.01 -13.90 13.16
CA UNK C 54 -0.96 -13.72 14.27
C UNK C 54 -2.14 -14.72 14.13
N UNK C 55 -2.13 -15.10 12.75
CA UNK C 55 -3.30 -15.91 12.05
C UNK C 55 -3.53 -17.28 13.02
N UNK C 56 -2.56 -18.04 12.75
CA UNK C 56 -2.53 -19.41 13.30
C UNK C 56 -1.10 -19.77 13.58
N UNK C 57 -1.08 -20.74 14.68
CA UNK C 57 0.13 -21.31 15.10
C UNK C 57 1.09 -22.08 14.00
N UNK C 58 0.15 -22.68 13.17
CA UNK C 58 0.64 -23.45 12.06
C UNK C 58 1.10 -22.47 10.96
N UNK C 59 0.14 -21.71 10.41
CA UNK C 59 0.12 -20.73 9.30
C UNK C 59 1.54 -20.13 9.31
N UNK C 60 1.77 -19.15 10.27
CA UNK C 60 2.95 -18.53 10.68
C UNK C 60 4.40 -19.30 10.41
N UNK C 61 4.18 -20.46 10.83
CA UNK C 61 5.15 -21.82 10.55
C UNK C 61 5.40 -22.02 9.04
N UNK C 62 4.45 -22.03 8.20
CA UNK C 62 4.45 -22.42 6.83
C UNK C 62 4.44 -21.25 6.00
N UNK C 63 3.71 -20.28 6.14
CA UNK C 63 3.68 -19.11 5.31
C UNK C 63 4.86 -18.12 5.44
N UNK C 64 5.58 -18.30 6.41
CA UNK C 64 7.00 -17.49 6.69
C UNK C 64 7.97 -18.07 5.86
N UNK C 65 7.75 -19.05 4.90
CA UNK C 65 8.47 -19.42 3.93
C UNK C 65 8.46 -18.65 2.55
N UNK C 66 7.26 -17.88 2.41
CA UNK C 66 7.00 -17.31 1.17
C UNK C 66 7.22 -15.55 1.58
N UNK C 67 7.69 -15.15 0.48
CA UNK C 67 7.90 -13.58 0.62
C UNK C 67 6.45 -12.63 1.17
N UNK C 68 5.50 -12.84 0.06
CA UNK C 68 4.29 -12.27 0.48
C UNK C 68 3.11 -12.88 0.06
N UNK C 69 1.91 -12.70 0.75
CA UNK C 69 0.73 -13.31 0.33
C UNK C 69 -0.72 -12.55 0.60
N UNK C 70 -1.43 -12.76 -0.09
CA UNK C 70 -2.88 -12.00 0.19
C UNK C 70 -4.05 -13.20 0.60
N UNK C 71 -5.02 -12.81 1.15
CA UNK C 71 -5.97 -13.61 1.71
C UNK C 71 -7.16 -13.44 0.74
N UNK C 72 -7.86 -14.43 0.60
CA UNK C 72 -9.06 -14.25 -0.36
C UNK C 72 -10.25 -14.66 0.32
N UNK C 73 -10.25 -14.85 1.70
CA UNK C 73 -11.43 -15.27 2.39
C UNK C 73 -10.71 -15.64 3.90
N UNK C 74 -11.45 -14.68 4.87
CA UNK C 74 -10.96 -14.86 6.26
C UNK C 74 -11.92 -14.88 7.07
N UNK C 75 -12.15 -15.86 7.77
CA UNK C 75 -13.34 -16.07 8.74
C UNK C 75 -13.10 -16.46 10.25
N UNK C 76 -13.83 -15.68 10.94
CA UNK C 76 -13.83 -15.69 12.60
C UNK C 76 -15.02 -16.29 13.01
N UNK C 77 -15.24 -17.47 13.42
CA UNK C 77 -16.42 -18.07 13.84
C UNK C 77 -16.18 -18.45 15.36
N UNK C 78 -17.62 -18.09 15.90
CA UNK C 78 -17.61 -18.28 17.29
C UNK C 78 -18.79 -19.67 17.42
N UNK C 79 -18.06 -20.43 18.39
CA UNK C 79 -18.76 -21.62 18.80
C UNK C 79 -18.76 -21.81 20.18
N UNK C 80 -19.95 -21.64 20.87
CA UNK C 80 -19.96 -21.64 22.53
C UNK C 80 -19.47 -23.00 23.08
N UNK C 81 -19.47 -22.60 24.46
CA UNK C 81 -19.45 -23.58 25.56
C UNK C 81 -19.95 -22.80 26.67
N UNK C 82 -19.97 -21.63 26.66
CA UNK C 82 -20.69 -20.86 27.36
C UNK C 82 -22.13 -21.08 27.90
N UNK C 83 -21.89 -20.88 29.43
CA UNK C 83 -23.32 -21.10 29.97
C UNK C 83 -24.53 -20.54 29.56
N UNK C 84 -25.47 -21.52 29.01
CA UNK C 84 -26.67 -21.16 28.31
C UNK C 84 -27.40 -20.59 29.55
N UNK C 85 -26.92 -20.38 30.66
CA UNK C 85 -27.41 -19.60 31.76
C UNK C 85 -26.72 -18.43 32.17
N UNK C 86 -25.53 -18.01 31.49
CA UNK C 86 -24.82 -17.03 31.62
C UNK C 86 -25.33 -15.86 30.79
N UNK C 87 -25.10 -14.50 31.48
CA UNK C 87 -25.37 -13.33 31.07
C UNK C 87 -24.66 -12.34 30.38
N UNK C 88 -25.15 -11.77 29.55
CA UNK C 88 -24.22 -10.58 28.72
C UNK C 88 -24.69 -10.59 27.07
N UNK C 89 -23.50 -10.18 26.38
CA UNK C 89 -23.50 -9.98 25.00
C UNK C 89 -22.30 -10.16 24.31
N UNK C 90 -22.29 -10.94 23.21
CA UNK C 90 -21.09 -11.11 22.52
C UNK C 90 -21.10 -10.34 21.14
N UNK C 91 -19.91 -9.73 20.73
CA UNK C 91 -19.93 -8.75 19.62
C UNK C 91 -18.49 -8.54 19.07
N UNK C 92 -18.25 -8.53 17.83
CA UNK C 92 -16.82 -8.51 17.00
C UNK C 92 -17.08 -7.34 15.76
N UNK C 93 -15.90 -6.74 15.35
CA UNK C 93 -15.90 -5.96 13.97
C UNK C 93 -14.48 -5.55 13.69
N UNK C 94 -14.48 -5.16 12.59
CA UNK C 94 -13.05 -4.55 11.77
C UNK C 94 -12.84 -2.98 11.90
N UNK C 95 -11.41 -2.96 11.90
CA UNK C 95 -10.71 -1.58 11.77
C UNK C 95 -9.99 -1.38 10.80
N UNK C 96 -10.02 -0.01 10.25
CA UNK C 96 -9.07 0.40 9.14
C UNK C 96 -7.63 0.61 9.42
N UNK C 97 -6.94 1.79 9.84
CA UNK C 97 -5.75 2.01 9.69
C UNK C 97 -5.27 2.02 11.36
N UNK C 98 -4.06 1.26 11.50
CA UNK C 98 -3.59 1.07 12.87
C UNK C 98 -3.36 2.05 13.84
N UNK C 99 -3.87 3.40 13.29
CA UNK C 99 -3.65 4.78 13.97
C UNK C 99 -5.08 4.75 14.80
N UNK C 100 -5.55 3.57 14.80
CA UNK C 100 -6.98 3.55 15.63
C UNK C 100 -6.96 2.78 17.01
N UNK C 101 -7.46 3.35 17.84
CA UNK C 101 -7.45 3.15 19.22
C UNK C 101 -8.88 2.36 18.94
N UNK C 102 -9.33 1.18 19.77
CA UNK C 102 -10.52 0.77 19.63
C UNK C 102 -11.73 1.52 20.31
N UNK C 103 -12.91 0.93 19.90
CA UNK C 103 -14.12 1.68 20.59
C UNK C 103 -14.11 0.91 21.97
N UNK C 104 -14.84 1.87 22.93
CA UNK C 104 -15.08 1.28 24.18
C UNK C 104 -16.51 1.06 24.73
N UNK C 105 -17.23 1.25 23.76
CA UNK C 105 -18.90 1.02 23.90
C UNK C 105 -19.36 0.24 22.80
N UNK C 106 -20.31 -0.56 23.35
CA UNK C 106 -21.01 -1.55 22.37
C UNK C 106 -21.74 -0.78 21.41
N UNK C 107 -22.23 0.58 21.69
CA UNK C 107 -22.96 1.34 20.72
C UNK C 107 -22.01 1.75 19.62
N UNK C 108 -20.59 2.16 20.17
CA UNK C 108 -19.63 2.57 19.07
C UNK C 108 -19.13 1.40 18.23
N UNK C 109 -19.11 0.04 18.80
CA UNK C 109 -18.62 -0.93 18.24
C UNK C 109 -19.80 -1.53 16.99
N UNK C 110 -20.76 -1.35 17.28
CA UNK C 110 -21.96 -1.57 16.58
C UNK C 110 -21.96 -0.98 14.93
N UNK C 111 -21.01 -0.38 14.93
CA UNK C 111 -21.02 0.40 13.54
C UNK C 111 -19.82 0.03 12.58
N UNK C 112 -19.09 -1.13 13.00
CA UNK C 112 -17.88 -1.51 12.03
C UNK C 112 -18.83 -2.30 10.93
N UNK C 113 -18.11 -2.29 9.69
CA UNK C 113 -18.81 -2.88 8.44
C UNK C 113 -18.79 -4.45 8.72
N UNK C 114 -19.02 -5.03 9.96
CA UNK C 114 -19.24 -6.21 10.38
C UNK C 114 -20.68 -6.43 10.93
N UNK C 115 -20.93 -5.85 12.17
CA UNK C 115 -22.12 -5.68 12.85
C UNK C 115 -22.33 -7.43 13.27
N UNK C 116 -21.85 -7.62 14.65
CA UNK C 116 -22.31 -8.99 15.20
C UNK C 116 -22.31 -9.19 16.59
N UNK C 117 -23.49 -9.79 17.00
CA UNK C 117 -23.74 -9.60 18.52
C UNK C 117 -24.43 -10.98 18.65
N UNK C 118 -24.18 -11.55 19.89
CA UNK C 118 -24.88 -12.74 20.31
C UNK C 118 -24.64 -13.12 21.83
N UNK C 119 -25.58 -13.91 22.38
CA UNK C 119 -25.34 -14.31 23.90
C UNK C 119 -24.13 -15.26 23.76
N UNK C 120 -23.41 -15.25 25.00
CA UNK C 120 -22.21 -16.01 25.14
C UNK C 120 -22.42 -17.57 25.01
N UNK C 121 -23.61 -17.98 24.87
CA UNK C 121 -23.83 -19.36 25.01
C UNK C 121 -24.53 -19.95 23.76
N UNK C 122 -24.55 -18.78 22.93
CA UNK C 122 -25.26 -18.99 21.42
C UNK C 122 -24.29 -19.56 20.58
N UNK C 123 -24.76 -20.35 19.48
CA UNK C 123 -24.04 -20.73 18.52
C UNK C 123 -24.01 -22.10 18.24
N UNK C 124 -25.44 -22.51 18.51
CA UNK C 124 -25.90 -23.88 18.24
C UNK C 124 -26.13 -24.08 16.73
N UNK C 125 -25.19 -23.48 15.90
CA UNK C 125 -24.70 -23.28 14.52
C UNK C 125 -23.97 -24.44 14.10
N UNK C 126 -24.43 -25.42 13.56
CA UNK C 126 -23.70 -26.58 13.14
C UNK C 126 -22.26 -26.36 12.60
N UNK C 127 -21.81 -24.99 12.87
CA UNK C 127 -20.38 -24.58 12.59
C UNK C 127 -19.89 -24.96 11.22
N UNK C 128 -21.08 -25.76 10.52
CA UNK C 128 -21.07 -26.15 9.14
C UNK C 128 -20.12 -24.97 8.32
N UNK C 129 -20.63 -23.60 8.59
CA UNK C 129 -19.93 -22.42 8.17
C UNK C 129 -18.50 -22.41 8.18
N UNK C 130 -18.02 -22.78 9.28
CA UNK C 130 -16.58 -22.76 9.29
C UNK C 130 -16.08 -24.32 9.56
N UNK C 131 -16.54 -24.91 10.39
CA UNK C 131 -16.52 -26.47 10.67
C UNK C 131 -15.55 -27.04 9.84
N UNK C 132 -15.79 -27.23 8.32
CA UNK C 132 -14.82 -27.81 7.50
C UNK C 132 -16.01 -28.21 6.53
N UNK C 133 -17.21 -27.85 6.67
CA UNK C 133 -18.41 -27.86 6.25
C UNK C 133 -18.90 -27.09 4.87
N UNK C 134 -18.65 -27.48 3.90
CA UNK C 134 -18.66 -26.70 2.53
C UNK C 134 -19.63 -25.55 2.52
N UNK C 135 -19.88 -24.96 3.76
CA UNK C 135 -20.62 -23.80 4.17
C UNK C 135 -22.06 -23.44 3.90
N UNK C 136 -22.79 -23.06 4.86
CA UNK C 136 -24.22 -22.69 4.58
C UNK C 136 -24.25 -21.32 5.68
N UNK C 137 -24.97 -21.53 6.65
CA UNK C 137 -24.99 -20.36 7.48
C UNK C 137 -26.17 -20.38 8.72
N UNK C 138 -26.43 -19.21 9.13
CA UNK C 138 -27.16 -18.83 10.10
C UNK C 138 -27.16 -19.03 11.48
N UNK C 139 -25.72 -19.20 12.03
CA UNK C 139 -25.25 -19.38 13.41
C UNK C 139 -24.55 -18.20 13.82
N UNK C 140 -23.84 -17.41 12.86
CA UNK C 140 -23.14 -16.43 13.00
C UNK C 140 -21.94 -16.79 12.04
N UNK C 141 -21.00 -15.61 12.03
CA UNK C 141 -19.80 -15.78 11.35
C UNK C 141 -19.35 -14.41 10.79
N UNK C 142 -18.15 -14.20 10.66
CA UNK C 142 -17.46 -13.02 10.24
C UNK C 142 -16.50 -13.20 9.15
N UNK C 143 -16.75 -12.42 8.17
CA UNK C 143 -16.03 -12.41 6.94
C UNK C 143 -15.57 -11.04 6.38
N UNK C 144 -14.38 -10.82 6.24
CA UNK C 144 -13.68 -9.64 5.83
C UNK C 144 -13.93 -9.05 4.59
N UNK C 145 -13.71 -7.89 4.17
CA UNK C 145 -13.96 -7.30 2.93
C UNK C 145 -12.52 -7.48 1.83
N UNK C 146 -12.26 -8.84 1.97
CA UNK C 146 -11.29 -9.41 1.14
C UNK C 146 -10.83 -8.42 0.04
N UNK C 147 -12.03 -8.25 -0.93
CA UNK C 147 -11.56 -7.26 -2.04
C UNK C 147 -11.59 -5.71 -1.48
N UNK C 148 -12.06 -5.51 -0.38
CA UNK C 148 -11.85 -4.15 0.31
C UNK C 148 -10.42 -3.92 0.59
N UNK C 149 -9.70 -4.51 0.18
CA UNK C 149 -8.02 -4.47 0.59
C UNK C 149 -7.80 -3.11 0.46
N UNK C 150 -6.62 -2.69 0.59
CA UNK C 150 -5.92 -1.31 0.45
C UNK C 150 -4.48 -1.89 0.46
N UNK C 151 -4.46 -2.85 -0.10
CA UNK C 151 -3.01 -3.62 -0.37
C UNK C 151 -3.47 -4.79 -1.20
N UNK C 152 -3.23 -4.79 -2.43
CA UNK C 152 -3.46 -5.77 -3.40
C UNK C 152 -2.47 -7.11 -2.85
N UNK C 153 -1.77 -6.72 -1.88
CA UNK C 153 -0.80 -7.29 -1.05
C UNK C 153 -0.34 -6.89 0.33
N UNK C 154 0.39 -7.46 0.75
CA UNK C 154 1.10 -7.26 2.26
C UNK C 154 2.07 -8.41 2.27
N UNK C 155 3.27 -7.80 2.68
CA UNK C 155 4.47 -8.56 2.81
C UNK C 155 4.48 -9.54 3.92
N UNK C 156 4.98 -10.70 3.93
CA UNK C 156 5.00 -11.68 5.02
C UNK C 156 5.94 -10.88 6.13
N UNK C 157 4.98 -10.70 7.24
CA UNK C 157 5.44 -9.91 8.34
C UNK C 157 5.70 -11.07 9.58
N UNK C 158 6.89 -11.05 10.00
CA UNK C 158 7.39 -12.02 11.11
C UNK C 158 6.66 -11.45 12.35
N UNK C 159 6.19 -12.43 13.45
CA UNK C 159 5.71 -12.24 14.55
C UNK C 159 6.17 -10.68 15.10
N UNK C 160 6.89 -10.86 16.07
CA UNK C 160 7.58 -9.48 16.76
C UNK C 160 7.80 -8.31 15.52
N UNK C 161 8.05 -8.69 14.55
CA UNK C 161 8.51 -7.71 13.45
C UNK C 161 7.30 -6.76 13.59
N UNK C 162 6.11 -7.16 13.44
CA UNK C 162 4.90 -6.40 13.31
C UNK C 162 5.12 -5.42 14.27
N UNK C 163 5.13 -5.62 15.65
CA UNK C 163 5.11 -4.84 16.75
C UNK C 163 6.05 -3.65 16.75
N UNK C 164 7.49 -4.02 16.20
CA UNK C 164 8.67 -3.02 16.34
C UNK C 164 7.69 -1.67 15.79
N UNK C 165 7.46 -1.87 14.27
CA UNK C 165 6.73 -0.90 13.58
C UNK C 165 5.76 0.05 14.13
N UNK C 166 5.49 1.02 13.44
CA UNK C 166 4.76 2.18 13.85
C UNK C 166 4.04 2.56 12.33
N UNK C 167 4.53 1.99 11.51
CA UNK C 167 4.30 1.78 9.98
C UNK C 167 3.37 0.40 9.71
N UNK C 168 3.13 -0.18 10.96
CA UNK C 168 2.67 -1.36 10.95
C UNK C 168 1.24 -1.58 9.85
N UNK C 169 0.75 -0.43 9.85
CA UNK C 169 -0.46 -0.24 8.88
C UNK C 169 0.03 -0.63 7.49
N UNK C 170 1.47 -0.61 7.50
CA UNK C 170 2.44 -0.98 6.12
C UNK C 170 2.46 -2.74 6.13
N UNK C 171 2.47 -3.13 7.22
CA UNK C 171 2.73 -4.49 7.37
C UNK C 171 1.54 -5.29 7.50
N UNK C 172 0.10 -4.53 7.78
CA UNK C 172 -1.09 -5.33 7.92
C UNK C 172 -2.05 -4.76 7.09
N UNK C 173 -3.23 -5.37 6.66
CA UNK C 173 -4.43 -4.99 5.98
C UNK C 173 -5.62 -5.41 6.66
N UNK C 174 -5.63 -5.01 8.05
CA UNK C 174 -7.06 -5.24 8.59
C UNK C 174 -7.05 -6.02 9.98
N UNK C 175 -7.55 -5.44 10.80
CA UNK C 175 -7.53 -6.02 12.46
C UNK C 175 -8.96 -6.24 13.01
N UNK C 176 -9.19 -7.22 13.71
CA UNK C 176 -10.38 -7.63 14.39
C UNK C 176 -10.39 -7.24 15.78
N UNK C 177 -11.35 -6.86 16.32
CA UNK C 177 -11.60 -6.28 17.56
C UNK C 177 -13.02 -7.08 18.11
N UNK C 178 -12.77 -7.67 19.36
CA UNK C 178 -13.72 -8.27 20.19
C UNK C 178 -13.97 -7.69 21.43
N UNK C 179 -15.17 -7.70 21.84
CA UNK C 179 -15.90 -7.13 23.08
C UNK C 179 -16.60 -8.11 23.77
N UNK C 180 -16.36 -8.12 25.01
CA UNK C 180 -17.31 -9.10 26.11
C UNK C 180 -17.79 -8.33 27.21
N UNK C 181 -18.99 -8.15 27.07
CA UNK C 181 -19.96 -7.39 28.18
C UNK C 181 -20.42 -8.56 29.01
N UNK C 182 -21.85 -8.39 29.28
CA UNK C 182 -22.55 -9.38 29.97
C UNK C 182 -22.80 -9.38 31.21
N UNK C 183 -21.83 -9.95 32.05
CA UNK C 183 -21.84 -10.15 33.42
C UNK C 183 -22.54 -11.13 34.11
N UNK C 184 -22.54 -10.94 35.21
CA UNK C 184 -23.00 -12.11 36.04
C UNK C 184 -22.29 -11.91 37.57
N UNK C 185 -21.08 -12.86 37.42
CA UNK C 185 -20.13 -12.65 38.52
C UNK C 185 -18.91 -13.80 38.12
N UNK C 186 -18.67 -13.80 36.88
CA UNK C 186 -17.70 -14.76 36.32
C UNK C 186 -18.40 -15.75 35.36
N UNK C 187 -17.44 -15.92 34.26
CA UNK C 187 -17.90 -16.72 33.15
C UNK C 187 -16.95 -16.51 31.77
N UNK C 188 -16.45 -17.47 31.23
CA UNK C 188 -15.73 -17.46 29.98
C UNK C 188 -16.21 -17.66 28.88
N UNK C 189 -16.46 -16.89 27.91
CA UNK C 189 -16.94 -16.70 26.54
C UNK C 189 -17.16 -18.08 25.84
N UNK C 190 -15.95 -18.25 25.15
CA UNK C 190 -15.93 -19.42 24.33
C UNK C 190 -14.50 -19.40 23.50
N UNK C 191 -14.73 -19.99 22.26
CA UNK C 191 -13.30 -19.97 21.43
C UNK C 191 -14.02 -19.39 20.19
N UNK C 192 -13.07 -18.79 19.36
CA UNK C 192 -13.31 -18.22 18.12
C UNK C 192 -12.35 -18.97 17.01
N UNK C 193 -13.05 -19.38 16.05
CA UNK C 193 -12.57 -20.15 14.94
C UNK C 193 -12.10 -19.17 13.85
N UNK C 194 -10.90 -19.54 12.88
CA UNK C 194 -10.42 -18.95 12.05
C UNK C 194 -10.17 -20.11 10.80
N UNK C 195 -10.90 -19.54 9.57
CA UNK C 195 -10.65 -20.12 8.33
C UNK C 195 -10.41 -19.34 7.36
N UNK C 196 -9.22 -19.52 6.67
CA UNK C 196 -8.75 -18.54 5.57
C UNK C 196 -8.26 -19.50 4.18
N UNK C 197 -8.26 -18.92 3.36
CA UNK C 197 -7.78 -19.31 1.98
C UNK C 197 -7.08 -18.32 1.29
N UNK C 198 -5.64 -18.68 1.57
CA UNK C 198 -4.47 -17.49 1.15
C UNK C 198 -3.73 -18.06 -0.09
N UNK C 199 -3.27 -17.28 -0.64
CA UNK C 199 -2.31 -17.46 -1.73
C UNK C 199 -0.65 -16.84 -1.33
N UNK C 200 0.32 -17.61 -1.59
CA UNK C 200 1.50 -17.00 -1.19
C UNK C 200 2.22 -16.41 -2.42
N UNK C 201 3.40 -15.81 -2.01
CA UNK C 201 4.10 -15.01 -2.98
C UNK C 201 5.55 -15.58 -3.80
N UNK C 202 6.50 -15.16 -3.25
CA UNK C 202 7.94 -15.54 -3.80
C UNK C 202 8.90 -16.11 -2.97
N UNK C 203 9.64 -17.27 -3.39
CA UNK C 203 10.61 -17.84 -2.55
C UNK C 203 11.78 -17.23 -2.13
N UNK C 204 12.03 -17.23 -0.90
CA UNK C 204 13.20 -16.42 -0.20
C UNK C 204 13.70 -17.40 0.90
N UNK C 205 14.90 -17.57 1.04
CA UNK C 205 15.39 -18.54 2.15
C UNK C 205 14.42 -18.16 3.52
N UNK C 206 14.45 -19.33 4.35
CA UNK C 206 13.96 -18.95 5.74
C UNK C 206 14.65 -17.77 6.15
N UNK C 207 15.86 -18.33 6.56
CA UNK C 207 16.80 -17.34 7.11
C UNK C 207 16.78 -15.97 6.56
N UNK C 208 15.82 -15.80 6.01
CA UNK C 208 15.56 -14.24 5.32
C UNK C 208 14.59 -13.66 6.15
N UNK C 209 13.65 -14.46 6.70
CA UNK C 209 12.20 -14.10 7.25
C UNK C 209 11.47 -12.94 6.83
N UNK C 210 12.18 -12.35 5.59
CA UNK C 210 11.45 -11.38 4.90
C UNK C 210 10.01 -11.40 4.89
#